data_5B7H
#
_entry.id   5B7H
#
_cell.length_a   72.703
_cell.length_b   137.580
_cell.length_c   96.914
_cell.angle_alpha   90.00
_cell.angle_beta   90.00
_cell.angle_gamma   90.00
#
_symmetry.space_group_name_H-M   'C 2 2 21'
#
loop_
_entity.id
_entity.type
_entity.pdbx_description
1 polymer 'LysR family transcriptional regulator'
2 non-polymer 'SULFATE ION'
3 water water
#
_entity_poly.entity_id   1
_entity_poly.type   'polypeptide(L)'
_entity_poly.pdbx_seq_one_letter_code
;GAMELGSLCQGDSMQGQLKLGCIPTIAPFLLCDLVQEINQRFPQLNLLLREDTTTNLLTALRHGELDVLILALPVEIDGM
ESRVVGQDPFKMVISRHQAGAIKVPIKYDDLPDESVFLLEKEHSLTEHAVSACKLTDKEKINPFSATSLHTLVQMVANGL
GTTFIPQMAIDHGLLDNQNLVVIEPPGQQAYRDIGLVWRPSSSRSKTFNQLAEVVSELL
;
_entity_poly.pdbx_strand_id   A,B
#
loop_
_chem_comp.id
_chem_comp.type
_chem_comp.name
_chem_comp.formula
SO4 non-polymer 'SULFATE ION' 'O4 S -2'
#
# COMPACT_ATOMS: atom_id res chain seq x y z
N GLY A 1 -46.09 25.18 -16.15
CA GLY A 1 -45.16 26.02 -15.42
C GLY A 1 -44.73 25.32 -14.14
N ALA A 2 -44.06 26.04 -13.25
CA ALA A 2 -43.52 25.38 -12.07
C ALA A 2 -43.25 26.40 -10.99
N MET A 3 -43.30 25.90 -9.76
CA MET A 3 -43.24 26.75 -8.60
C MET A 3 -41.79 27.17 -8.39
N GLU A 4 -41.61 28.40 -7.91
CA GLU A 4 -40.27 28.88 -7.52
C GLU A 4 -39.82 28.19 -6.24
N LEU A 5 -38.69 27.48 -6.31
CA LEU A 5 -38.16 26.79 -5.12
C LEU A 5 -37.08 27.62 -4.42
N SER A 13 -25.01 22.07 4.12
CA SER A 13 -23.71 22.72 4.34
C SER A 13 -22.57 22.16 3.47
N MET A 14 -22.70 20.90 2.99
CA MET A 14 -21.74 20.37 2.00
C MET A 14 -22.15 20.63 0.58
N GLN A 15 -22.86 21.72 0.33
CA GLN A 15 -23.23 22.13 -1.01
C GLN A 15 -22.46 23.39 -1.37
N GLY A 16 -22.29 23.58 -2.66
CA GLY A 16 -21.74 24.83 -3.12
C GLY A 16 -20.24 24.72 -3.34
N GLN A 17 -19.54 25.84 -3.21
CA GLN A 17 -18.14 25.90 -3.60
C GLN A 17 -17.28 26.10 -2.37
N LEU A 18 -16.12 25.44 -2.35
CA LEU A 18 -15.13 25.61 -1.30
C LEU A 18 -13.78 25.82 -1.96
N LYS A 19 -13.01 26.84 -1.53
CA LYS A 19 -11.63 27.06 -1.95
C LYS A 19 -10.69 26.43 -0.92
N LEU A 20 -9.94 25.44 -1.35
CA LEU A 20 -9.12 24.67 -0.42
C LEU A 20 -7.67 24.74 -0.88
N GLY A 21 -6.76 25.05 0.04
CA GLY A 21 -5.34 25.11 -0.23
C GLY A 21 -4.65 23.89 0.37
N CYS A 22 -3.58 23.46 -0.26
CA CYS A 22 -2.85 22.30 0.23
C CYS A 22 -1.39 22.37 -0.21
N ILE A 23 -0.50 21.85 0.63
CA ILE A 23 0.95 21.91 0.37
C ILE A 23 1.42 20.90 -0.66
N PRO A 24 2.57 21.17 -1.31
CA PRO A 24 3.01 20.30 -2.41
C PRO A 24 3.28 18.85 -2.02
N THR A 25 3.67 18.53 -0.78
CA THR A 25 3.93 17.12 -0.42
C THR A 25 2.70 16.40 0.09
N ILE A 26 1.52 17.03 0.03
CA ILE A 26 0.25 16.38 0.31
C ILE A 26 -0.64 16.38 -0.92
N ALA A 27 -0.72 17.52 -1.61
CA ALA A 27 -1.73 17.73 -2.65
C ALA A 27 -1.78 16.65 -3.73
N PRO A 28 -0.66 16.20 -4.30
CA PRO A 28 -0.75 15.22 -5.40
C PRO A 28 -1.28 13.88 -4.94
N PHE A 29 -1.26 13.60 -3.63
CA PHE A 29 -1.56 12.26 -3.14
C PHE A 29 -2.95 12.25 -2.52
N LEU A 30 -3.11 12.91 -1.37
N LEU A 30 -3.12 12.92 -1.37
CA LEU A 30 -4.36 12.82 -0.63
CA LEU A 30 -4.36 12.82 -0.63
C LEU A 30 -5.54 13.39 -1.41
C LEU A 30 -5.55 13.42 -1.38
N LEU A 31 -5.35 14.49 -2.17
CA LEU A 31 -6.51 15.14 -2.78
C LEU A 31 -7.16 14.29 -3.86
N CYS A 32 -6.41 13.38 -4.48
CA CYS A 32 -7.02 12.48 -5.44
C CYS A 32 -8.09 11.66 -4.74
N ASP A 33 -7.73 11.13 -3.55
CA ASP A 33 -8.66 10.28 -2.78
C ASP A 33 -9.83 11.11 -2.28
N LEU A 34 -9.54 12.33 -1.82
CA LEU A 34 -10.58 13.22 -1.32
C LEU A 34 -11.62 13.50 -2.41
N VAL A 35 -11.17 13.84 -3.62
CA VAL A 35 -12.12 14.15 -4.69
C VAL A 35 -12.99 12.93 -5.01
N GLN A 36 -12.40 11.72 -5.09
CA GLN A 36 -13.28 10.58 -5.37
C GLN A 36 -14.30 10.36 -4.26
N GLU A 37 -13.92 10.60 -3.01
N GLU A 37 -13.92 10.57 -2.99
CA GLU A 37 -14.86 10.40 -1.92
CA GLU A 37 -14.89 10.39 -1.93
C GLU A 37 -15.96 11.46 -1.94
C GLU A 37 -15.99 11.45 -2.01
N ILE A 38 -15.61 12.74 -2.11
CA ILE A 38 -16.66 13.76 -2.13
C ILE A 38 -17.55 13.68 -3.37
N ASN A 39 -17.02 13.19 -4.51
CA ASN A 39 -17.86 13.05 -5.69
C ASN A 39 -19.08 12.20 -5.38
N GLN A 40 -18.90 11.15 -4.58
CA GLN A 40 -19.98 10.26 -4.25
C GLN A 40 -20.77 10.75 -3.03
N ARG A 41 -20.06 11.14 -1.96
CA ARG A 41 -20.74 11.42 -0.70
C ARG A 41 -21.34 12.81 -0.64
N PHE A 42 -20.74 13.78 -1.32
CA PHE A 42 -21.19 15.17 -1.30
C PHE A 42 -21.14 15.68 -2.72
N PRO A 43 -22.04 15.21 -3.58
CA PRO A 43 -21.89 15.45 -5.01
C PRO A 43 -22.14 16.87 -5.44
N GLN A 44 -22.71 17.71 -4.57
CA GLN A 44 -22.92 19.13 -4.86
C GLN A 44 -21.82 20.03 -4.30
N LEU A 45 -20.75 19.46 -3.80
CA LEU A 45 -19.61 20.24 -3.33
C LEU A 45 -18.57 20.38 -4.44
N ASN A 46 -18.28 21.62 -4.80
CA ASN A 46 -17.30 21.90 -5.85
C ASN A 46 -16.05 22.40 -5.15
N LEU A 47 -14.92 21.71 -5.35
CA LEU A 47 -13.70 22.01 -4.63
C LEU A 47 -12.73 22.70 -5.58
N LEU A 48 -12.54 24.01 -5.42
CA LEU A 48 -11.53 24.79 -6.12
C LEU A 48 -10.26 24.63 -5.32
N LEU A 49 -9.16 24.36 -5.97
CA LEU A 49 -7.94 23.89 -5.30
C LEU A 49 -6.78 24.83 -5.58
N ARG A 50 -5.97 25.09 -4.56
CA ARG A 50 -4.73 25.86 -4.68
C ARG A 50 -3.60 25.11 -4.03
N GLU A 51 -2.49 24.92 -4.76
CA GLU A 51 -1.30 24.29 -4.21
C GLU A 51 -0.26 25.37 -4.01
N ASP A 52 0.31 25.44 -2.80
CA ASP A 52 1.29 26.49 -2.52
C ASP A 52 2.01 26.10 -1.24
N THR A 53 3.09 26.86 -0.94
CA THR A 53 3.89 26.70 0.28
C THR A 53 3.04 27.04 1.50
N THR A 54 3.44 26.50 2.67
CA THR A 54 2.70 26.77 3.92
C THR A 54 2.51 28.27 4.18
N THR A 55 3.60 29.05 4.11
CA THR A 55 3.45 30.45 4.41
C THR A 55 2.52 31.15 3.44
N ASN A 56 2.63 30.84 2.14
CA ASN A 56 1.77 31.48 1.15
C ASN A 56 0.30 31.08 1.36
N LEU A 57 0.08 29.81 1.73
CA LEU A 57 -1.30 29.38 1.97
C LEU A 57 -1.89 30.10 3.17
N LEU A 58 -1.09 30.25 4.22
CA LEU A 58 -1.60 30.95 5.42
C LEU A 58 -1.96 32.41 5.10
N THR A 59 -1.14 33.10 4.31
CA THR A 59 -1.49 34.47 3.91
C THR A 59 -2.80 34.50 3.12
N ALA A 60 -2.97 33.55 2.18
CA ALA A 60 -4.21 33.52 1.43
C ALA A 60 -5.40 33.21 2.34
N LEU A 61 -5.21 32.33 3.33
CA LEU A 61 -6.29 32.05 4.25
C LEU A 61 -6.64 33.28 5.08
N ARG A 62 -5.63 33.96 5.62
N ARG A 62 -5.64 33.99 5.61
CA ARG A 62 -5.88 35.18 6.41
CA ARG A 62 -5.94 35.15 6.44
C ARG A 62 -6.66 36.18 5.58
C ARG A 62 -6.46 36.33 5.63
N HIS A 63 -6.27 36.30 4.31
CA HIS A 63 -6.85 37.31 3.41
C HIS A 63 -8.20 36.89 2.82
N GLY A 64 -8.72 35.72 3.22
CA GLY A 64 -10.02 35.30 2.76
C GLY A 64 -10.04 34.87 1.31
N GLU A 65 -8.88 34.57 0.73
CA GLU A 65 -8.77 34.06 -0.63
C GLU A 65 -8.89 32.55 -0.71
N LEU A 66 -8.76 31.86 0.43
CA LEU A 66 -9.08 30.44 0.54
C LEU A 66 -9.97 30.29 1.76
N ASP A 67 -10.78 29.22 1.77
CA ASP A 67 -11.66 28.90 2.90
C ASP A 67 -10.99 28.00 3.93
N VAL A 68 -10.17 27.05 3.51
CA VAL A 68 -9.62 26.05 4.41
C VAL A 68 -8.35 25.49 3.78
N LEU A 69 -7.44 25.04 4.61
CA LEU A 69 -6.18 24.46 4.19
C LEU A 69 -6.06 23.06 4.74
N ILE A 70 -5.37 22.21 3.99
CA ILE A 70 -4.85 20.94 4.49
C ILE A 70 -3.34 21.11 4.56
N LEU A 71 -2.83 21.07 5.78
CA LEU A 71 -1.41 21.30 6.04
C LEU A 71 -0.82 20.11 6.76
N ALA A 72 0.51 20.02 6.71
CA ALA A 72 1.26 19.23 7.69
C ALA A 72 1.52 20.08 8.94
N LEU A 73 1.24 19.49 10.11
CA LEU A 73 1.41 20.19 11.37
C LEU A 73 2.47 19.49 12.21
N PRO A 74 3.14 20.21 13.14
CA PRO A 74 2.91 21.59 13.49
C PRO A 74 3.65 22.56 12.61
N VAL A 75 2.99 23.67 12.34
CA VAL A 75 3.60 24.87 11.75
C VAL A 75 2.96 26.05 12.47
N GLU A 76 3.59 27.22 12.41
N GLU A 76 3.50 27.23 12.21
CA GLU A 76 3.03 28.36 13.13
CA GLU A 76 3.07 28.51 12.73
C GLU A 76 1.73 28.81 12.45
C GLU A 76 1.63 28.82 12.29
N ILE A 77 0.64 28.73 13.21
CA ILE A 77 -0.73 29.07 12.77
C ILE A 77 -1.47 29.88 13.84
N ASP A 78 -0.76 30.77 14.53
CA ASP A 78 -1.41 31.59 15.53
C ASP A 78 -2.66 32.25 14.95
N GLY A 79 -3.72 32.23 15.74
CA GLY A 79 -4.95 32.93 15.40
C GLY A 79 -5.88 32.13 14.52
N MET A 80 -5.44 31.02 13.93
CA MET A 80 -6.33 30.18 13.13
C MET A 80 -6.90 29.04 13.99
N GLU A 81 -7.91 28.40 13.46
CA GLU A 81 -8.45 27.24 14.13
C GLU A 81 -7.95 26.03 13.34
N SER A 82 -7.61 24.96 14.04
CA SER A 82 -7.11 23.76 13.38
C SER A 82 -7.64 22.51 14.01
N ARG A 83 -7.61 21.45 13.21
CA ARG A 83 -8.04 20.13 13.64
C ARG A 83 -7.10 19.12 13.01
N VAL A 84 -6.38 18.34 13.80
CA VAL A 84 -5.56 17.25 13.30
C VAL A 84 -6.47 16.08 12.96
N VAL A 85 -6.25 15.51 11.78
CA VAL A 85 -7.14 14.47 11.26
C VAL A 85 -6.44 13.15 11.04
N GLY A 86 -5.13 13.12 11.06
CA GLY A 86 -4.45 11.83 11.00
C GLY A 86 -2.94 12.00 10.98
N GLN A 87 -2.26 10.87 10.87
CA GLN A 87 -0.80 10.84 10.92
C GLN A 87 -0.33 10.15 9.65
N ASP A 88 0.76 10.65 9.07
CA ASP A 88 1.32 10.16 7.82
C ASP A 88 2.75 9.72 8.14
N PRO A 89 3.03 8.44 8.19
CA PRO A 89 4.36 7.96 8.55
C PRO A 89 5.43 8.40 7.57
N PHE A 90 6.68 8.47 8.06
CA PHE A 90 7.85 8.70 7.22
C PHE A 90 8.56 7.39 6.97
N LYS A 91 9.10 7.27 5.77
CA LYS A 91 10.04 6.19 5.46
C LYS A 91 11.29 6.82 4.88
N MET A 92 12.35 6.03 4.81
CA MET A 92 13.50 6.43 4.01
C MET A 92 13.52 5.61 2.73
N VAL A 93 14.20 6.14 1.71
N VAL A 93 14.16 6.16 1.70
CA VAL A 93 14.31 5.41 0.46
CA VAL A 93 14.24 5.47 0.43
C VAL A 93 15.76 5.46 -0.01
C VAL A 93 15.66 5.58 -0.11
N ILE A 94 16.19 4.40 -0.65
N ILE A 94 16.09 4.53 -0.82
CA ILE A 94 17.49 4.32 -1.31
CA ILE A 94 17.44 4.41 -1.34
C ILE A 94 17.32 3.57 -2.62
C ILE A 94 17.37 3.53 -2.57
N SER A 95 18.23 3.78 -3.55
CA SER A 95 18.18 2.98 -4.76
CA SER A 95 18.16 2.97 -4.76
C SER A 95 18.55 1.52 -4.47
N ARG A 96 17.90 0.61 -5.20
CA ARG A 96 18.27 -0.81 -5.14
C ARG A 96 19.77 -0.99 -5.36
N HIS A 97 20.37 -0.18 -6.26
CA HIS A 97 21.78 -0.33 -6.64
C HIS A 97 22.71 0.12 -5.54
N GLN A 98 22.18 0.85 -4.57
CA GLN A 98 22.93 1.43 -3.46
C GLN A 98 22.62 0.73 -2.15
N ALA A 99 21.75 -0.28 -2.20
CA ALA A 99 21.30 -0.98 -1.00
C ALA A 99 22.43 -1.71 -0.29
N GLY A 100 23.56 -1.96 -0.97
CA GLY A 100 24.74 -2.52 -0.33
C GLY A 100 25.63 -1.51 0.37
N ALA A 101 25.93 -0.39 -0.29
CA ALA A 101 26.72 0.69 0.28
C ALA A 101 26.03 1.41 1.43
N ILE A 102 24.77 1.08 1.73
CA ILE A 102 24.05 1.64 2.85
C ILE A 102 23.46 0.48 3.66
N LYS A 103 23.81 0.39 4.94
CA LYS A 103 23.41 -0.74 5.77
C LYS A 103 22.05 -0.49 6.40
N VAL A 104 21.26 -1.55 6.52
CA VAL A 104 19.92 -1.51 7.11
C VAL A 104 19.94 -2.45 8.31
N PRO A 105 19.46 -2.04 9.50
CA PRO A 105 18.83 -0.73 9.81
C PRO A 105 19.76 0.44 9.59
N ILE A 106 19.19 1.55 9.14
CA ILE A 106 19.94 2.78 8.96
C ILE A 106 20.37 3.30 10.31
N LYS A 107 21.64 3.66 10.41
CA LYS A 107 22.17 4.43 11.52
C LYS A 107 22.84 5.65 10.88
N TYR A 108 22.40 6.86 11.27
CA TYR A 108 22.88 8.05 10.56
C TYR A 108 24.40 8.17 10.63
N ASP A 109 25.00 7.83 11.77
CA ASP A 109 26.44 7.97 11.93
C ASP A 109 27.24 7.12 10.96
N ASP A 110 26.64 6.06 10.44
CA ASP A 110 27.34 5.19 9.50
C ASP A 110 27.15 5.59 8.04
N LEU A 111 26.26 6.55 7.75
CA LEU A 111 26.07 7.02 6.40
C LEU A 111 27.26 7.89 6.02
N PRO A 112 27.55 8.03 4.73
CA PRO A 112 28.58 8.99 4.33
C PRO A 112 28.11 10.41 4.62
N ASP A 113 29.08 11.29 4.87
CA ASP A 113 28.76 12.73 4.92
C ASP A 113 28.06 13.15 3.62
N GLU A 114 27.11 14.10 3.75
CA GLU A 114 26.41 14.68 2.59
C GLU A 114 25.62 13.64 1.81
N SER A 115 25.16 12.57 2.43
CA SER A 115 24.37 11.58 1.69
C SER A 115 22.88 11.75 1.82
N VAL A 116 22.41 12.62 2.72
CA VAL A 116 20.98 12.81 2.94
C VAL A 116 20.54 14.05 2.18
N PHE A 117 19.66 13.90 1.20
CA PHE A 117 19.17 15.03 0.42
C PHE A 117 17.83 15.47 1.01
N LEU A 118 17.63 16.79 1.09
CA LEU A 118 16.41 17.35 1.68
C LEU A 118 15.90 18.48 0.81
N LEU A 119 14.57 18.68 0.85
CA LEU A 119 14.00 19.89 0.25
C LEU A 119 14.50 21.15 0.97
N GLU A 120 14.54 22.25 0.23
CA GLU A 120 14.78 23.57 0.81
C GLU A 120 13.71 23.91 1.88
N LYS A 121 13.94 25.00 2.67
CA LYS A 121 13.20 25.31 3.91
C LYS A 121 11.77 25.81 3.73
N GLU A 122 11.42 26.37 2.57
CA GLU A 122 10.01 26.70 2.34
C GLU A 122 9.10 25.47 2.46
N HIS A 123 9.69 24.27 2.42
CA HIS A 123 8.99 23.00 2.49
C HIS A 123 8.93 22.48 3.93
N SER A 124 7.72 22.28 4.39
CA SER A 124 7.54 21.73 5.72
C SER A 124 8.05 20.28 5.85
N LEU A 125 8.16 19.53 4.75
CA LEU A 125 8.62 18.16 4.82
C LEU A 125 9.98 18.06 5.50
N THR A 126 10.86 19.02 5.20
CA THR A 126 12.20 18.96 5.79
C THR A 126 12.19 19.16 7.31
N GLU A 127 11.50 20.19 7.81
CA GLU A 127 11.53 20.38 9.27
C GLU A 127 10.84 19.23 9.98
N HIS A 128 9.79 18.68 9.37
CA HIS A 128 9.08 17.60 10.03
C HIS A 128 9.87 16.30 10.00
N ALA A 129 10.49 15.99 8.87
CA ALA A 129 11.19 14.70 8.81
C ALA A 129 12.45 14.74 9.67
N VAL A 130 13.20 15.83 9.61
CA VAL A 130 14.43 15.92 10.38
C VAL A 130 14.15 15.81 11.88
N SER A 131 13.07 16.46 12.35
N SER A 131 13.07 16.46 12.34
N SER A 131 13.09 16.49 12.34
CA SER A 131 12.78 16.39 13.77
CA SER A 131 12.73 16.42 13.76
CA SER A 131 12.75 16.40 13.76
C SER A 131 12.17 15.05 14.17
C SER A 131 12.19 15.05 14.15
C SER A 131 12.23 15.01 14.12
N ALA A 132 11.20 14.55 13.40
CA ALA A 132 10.52 13.31 13.77
C ALA A 132 11.47 12.12 13.68
N CYS A 133 12.36 12.13 12.68
CA CYS A 133 13.29 11.02 12.47
C CYS A 133 14.63 11.26 13.14
N LYS A 134 14.77 12.35 13.89
CA LYS A 134 15.89 12.52 14.82
C LYS A 134 17.23 12.64 14.11
N LEU A 135 17.27 13.33 12.98
CA LEU A 135 18.53 13.57 12.28
C LEU A 135 19.16 14.80 12.91
N THR A 136 20.17 14.60 13.75
CA THR A 136 20.82 15.74 14.38
C THR A 136 22.21 16.03 13.82
N ASP A 137 22.79 15.13 13.03
CA ASP A 137 24.14 15.34 12.50
C ASP A 137 24.06 16.05 11.15
N LYS A 138 24.27 17.38 11.17
CA LYS A 138 24.14 18.19 9.96
C LYS A 138 25.15 17.80 8.89
N GLU A 139 26.27 17.19 9.26
CA GLU A 139 27.26 16.80 8.27
C GLU A 139 26.74 15.74 7.31
N LYS A 140 25.68 15.02 7.67
CA LYS A 140 25.16 14.02 6.77
C LYS A 140 24.31 14.64 5.69
N ILE A 141 23.97 15.91 5.78
CA ILE A 141 23.02 16.49 4.84
C ILE A 141 23.77 17.05 3.64
N ASN A 142 23.34 16.66 2.44
CA ASN A 142 23.99 17.17 1.24
C ASN A 142 23.69 18.66 1.07
N PRO A 143 24.68 19.47 0.71
CA PRO A 143 24.43 20.91 0.57
C PRO A 143 23.57 21.31 -0.62
N PHE A 144 23.33 20.44 -1.59
CA PHE A 144 22.45 20.78 -2.70
C PHE A 144 21.02 20.45 -2.28
N SER A 145 20.20 21.49 -2.13
CA SER A 145 18.83 21.30 -1.70
C SER A 145 17.91 21.03 -2.88
N ALA A 146 16.97 20.11 -2.67
CA ALA A 146 15.96 19.79 -3.66
C ALA A 146 14.84 20.81 -3.63
N THR A 147 14.15 20.93 -4.74
CA THR A 147 13.06 21.88 -4.87
C THR A 147 11.70 21.25 -5.16
N SER A 148 11.61 19.93 -5.29
CA SER A 148 10.31 19.27 -5.37
C SER A 148 10.49 17.83 -4.89
N LEU A 149 9.41 17.24 -4.37
CA LEU A 149 9.55 15.87 -3.91
C LEU A 149 9.87 14.92 -5.09
N HIS A 150 9.30 15.15 -6.29
CA HIS A 150 9.60 14.24 -7.40
C HIS A 150 11.07 14.28 -7.76
N THR A 151 11.65 15.48 -7.80
CA THR A 151 13.05 15.56 -8.21
C THR A 151 13.98 15.09 -7.11
N LEU A 152 13.57 15.25 -5.85
CA LEU A 152 14.31 14.65 -4.75
C LEU A 152 14.39 13.14 -4.90
N VAL A 153 13.25 12.49 -5.15
CA VAL A 153 13.23 11.05 -5.28
C VAL A 153 14.02 10.61 -6.51
N GLN A 154 13.98 11.40 -7.59
CA GLN A 154 14.77 11.06 -8.77
C GLN A 154 16.26 11.10 -8.48
N MET A 155 16.73 12.07 -7.68
CA MET A 155 18.16 12.06 -7.32
C MET A 155 18.52 10.83 -6.50
N VAL A 156 17.62 10.41 -5.60
CA VAL A 156 17.88 9.16 -4.85
C VAL A 156 17.90 7.99 -5.83
N ALA A 157 16.94 7.98 -6.77
CA ALA A 157 16.92 6.91 -7.79
C ALA A 157 18.17 6.88 -8.65
N ASN A 158 18.82 8.04 -8.85
CA ASN A 158 20.09 8.08 -9.57
C ASN A 158 21.25 7.56 -8.72
N GLY A 159 21.02 7.24 -7.45
CA GLY A 159 22.03 6.65 -6.59
C GLY A 159 22.80 7.64 -5.74
N LEU A 160 22.30 8.87 -5.60
CA LEU A 160 23.10 9.93 -4.99
C LEU A 160 23.07 9.88 -3.46
N GLY A 161 22.09 9.18 -2.89
CA GLY A 161 22.03 9.12 -1.43
C GLY A 161 20.65 8.70 -1.00
N THR A 162 20.15 9.26 0.08
CA THR A 162 18.89 8.80 0.66
C THR A 162 18.06 10.02 1.05
N THR A 163 16.79 9.80 1.35
CA THR A 163 15.96 10.89 1.85
C THR A 163 14.76 10.29 2.57
N PHE A 164 13.97 11.17 3.17
CA PHE A 164 12.72 10.85 3.85
C PHE A 164 11.55 11.14 2.95
N ILE A 165 10.59 10.21 2.91
N ILE A 165 10.60 10.21 2.89
CA ILE A 165 9.40 10.26 2.05
CA ILE A 165 9.41 10.44 2.09
C ILE A 165 8.15 9.99 2.87
C ILE A 165 8.19 10.11 2.95
N PRO A 166 7.06 10.74 2.69
CA PRO A 166 5.83 10.41 3.42
C PRO A 166 5.13 9.20 2.80
N GLN A 167 4.49 8.45 3.69
CA GLN A 167 3.79 7.24 3.32
C GLN A 167 2.75 7.50 2.26
N MET A 168 2.05 8.66 2.33
CA MET A 168 1.02 8.84 1.32
C MET A 168 1.59 8.92 -0.09
N ALA A 169 2.83 9.39 -0.23
CA ALA A 169 3.44 9.40 -1.57
C ALA A 169 3.72 7.98 -2.06
N ILE A 170 4.24 7.13 -1.16
CA ILE A 170 4.47 5.73 -1.52
C ILE A 170 3.17 5.06 -1.91
N ASP A 171 2.11 5.31 -1.13
CA ASP A 171 0.83 4.65 -1.39
C ASP A 171 0.20 5.09 -2.72
N HIS A 172 0.65 6.22 -3.27
CA HIS A 172 0.18 6.80 -4.52
C HIS A 172 1.15 6.59 -5.67
N GLY A 173 2.09 5.70 -5.51
CA GLY A 173 2.92 5.25 -6.61
C GLY A 173 4.14 6.10 -6.95
N LEU A 174 4.55 7.01 -6.07
CA LEU A 174 5.65 7.92 -6.42
C LEU A 174 6.91 7.13 -6.78
N LEU A 175 7.09 5.95 -6.14
CA LEU A 175 8.32 5.21 -6.39
C LEU A 175 8.23 4.25 -7.56
N ASP A 176 7.09 4.16 -8.20
CA ASP A 176 6.92 3.15 -9.28
C ASP A 176 7.98 3.31 -10.36
N ASN A 177 8.54 2.17 -10.75
CA ASN A 177 9.48 2.10 -11.87
C ASN A 177 10.79 2.86 -11.64
N GLN A 178 11.10 3.22 -10.39
CA GLN A 178 12.37 3.90 -10.10
C GLN A 178 13.36 3.03 -9.38
N ASN A 179 13.04 1.75 -9.16
N ASN A 179 13.04 1.77 -9.11
CA ASN A 179 13.94 0.75 -8.59
CA ASN A 179 14.00 0.83 -8.52
C ASN A 179 14.48 1.15 -7.22
C ASN A 179 14.53 1.34 -7.20
N LEU A 180 13.59 1.60 -6.31
CA LEU A 180 13.93 2.07 -4.98
C LEU A 180 13.54 1.03 -3.94
N VAL A 181 14.19 1.13 -2.78
CA VAL A 181 13.92 0.28 -1.61
C VAL A 181 13.43 1.18 -0.50
N VAL A 182 12.35 0.76 0.17
CA VAL A 182 11.75 1.51 1.28
C VAL A 182 12.26 0.91 2.58
N ILE A 183 12.76 1.79 3.45
N ILE A 183 12.79 1.76 3.46
CA ILE A 183 13.38 1.45 4.72
CA ILE A 183 13.29 1.31 4.76
C ILE A 183 12.68 2.23 5.83
C ILE A 183 12.85 2.24 5.86
N GLU A 184 12.80 1.69 7.09
CA GLU A 184 12.31 2.48 8.23
C GLU A 184 13.39 3.44 8.68
N PRO A 185 13.00 4.67 9.06
CA PRO A 185 13.98 5.61 9.65
C PRO A 185 14.38 5.14 11.02
N PRO A 186 15.57 5.53 11.49
CA PRO A 186 16.10 5.01 12.76
C PRO A 186 15.20 5.40 13.92
N GLY A 187 15.25 4.58 14.96
CA GLY A 187 14.55 4.91 16.18
C GLY A 187 13.06 4.63 16.09
N GLN A 188 12.30 5.45 16.83
CA GLN A 188 10.88 5.24 16.98
C GLN A 188 10.18 5.39 15.64
N GLN A 189 8.94 4.91 15.59
CA GLN A 189 8.08 5.19 14.45
C GLN A 189 7.85 6.69 14.39
N ALA A 190 8.13 7.27 13.23
CA ALA A 190 8.09 8.70 13.04
C ALA A 190 7.07 9.04 11.96
N TYR A 191 6.48 10.22 12.07
CA TYR A 191 5.33 10.57 11.24
C TYR A 191 5.16 12.08 11.29
N ARG A 192 4.26 12.58 10.44
CA ARG A 192 3.80 13.97 10.50
C ARG A 192 2.28 13.97 10.72
N ASP A 193 1.79 14.91 11.53
CA ASP A 193 0.36 15.13 11.64
C ASP A 193 -0.15 15.86 10.40
N ILE A 194 -1.37 15.52 9.98
CA ILE A 194 -2.05 16.21 8.91
C ILE A 194 -3.25 16.91 9.54
N GLY A 195 -3.50 18.15 9.15
CA GLY A 195 -4.64 18.81 9.73
C GLY A 195 -5.32 19.77 8.79
N LEU A 196 -6.52 20.18 9.18
CA LEU A 196 -7.28 21.21 8.48
C LEU A 196 -7.14 22.51 9.29
N VAL A 197 -7.08 23.62 8.59
CA VAL A 197 -6.87 24.94 9.22
C VAL A 197 -7.81 25.95 8.57
N TRP A 198 -8.46 26.80 9.39
CA TRP A 198 -9.44 27.75 8.86
C TRP A 198 -9.53 28.96 9.78
N ARG A 199 -10.31 29.96 9.37
CA ARG A 199 -10.42 31.20 10.18
C ARG A 199 -11.47 31.04 11.25
N PRO A 200 -11.19 31.44 12.49
CA PRO A 200 -12.22 31.35 13.54
C PRO A 200 -13.49 32.11 13.22
N SER A 201 -13.38 33.18 12.43
CA SER A 201 -14.59 33.95 12.05
C SER A 201 -15.40 33.33 10.93
N SER A 202 -14.95 32.22 10.35
CA SER A 202 -15.67 31.65 9.23
C SER A 202 -17.08 31.23 9.65
N SER A 203 -18.02 31.36 8.72
CA SER A 203 -19.36 30.84 8.94
C SER A 203 -19.53 29.44 8.37
N ARG A 204 -18.44 28.75 8.02
CA ARG A 204 -18.52 27.45 7.38
C ARG A 204 -17.93 26.33 8.23
N SER A 205 -17.90 26.48 9.55
CA SER A 205 -17.21 25.50 10.38
C SER A 205 -17.94 24.15 10.38
N LYS A 206 -19.26 24.14 10.20
CA LYS A 206 -19.95 22.85 10.03
C LYS A 206 -19.43 22.11 8.80
N THR A 207 -19.23 22.83 7.69
CA THR A 207 -18.63 22.23 6.50
C THR A 207 -17.22 21.71 6.80
N PHE A 208 -16.41 22.51 7.51
CA PHE A 208 -15.01 22.12 7.74
C PHE A 208 -14.93 20.89 8.61
N ASN A 209 -15.81 20.78 9.60
CA ASN A 209 -15.77 19.61 10.47
C ASN A 209 -16.23 18.36 9.71
N GLN A 210 -17.23 18.46 8.82
CA GLN A 210 -17.58 17.30 7.98
C GLN A 210 -16.44 16.91 7.05
N LEU A 211 -15.77 17.90 6.48
CA LEU A 211 -14.63 17.62 5.64
C LEU A 211 -13.53 16.95 6.43
N ALA A 212 -13.29 17.41 7.68
CA ALA A 212 -12.24 16.81 8.50
C ALA A 212 -12.53 15.33 8.75
N GLU A 213 -13.81 14.97 8.96
CA GLU A 213 -14.17 13.56 9.14
C GLU A 213 -13.83 12.75 7.90
N VAL A 214 -14.15 13.29 6.73
CA VAL A 214 -13.84 12.60 5.46
C VAL A 214 -12.34 12.37 5.30
N VAL A 215 -11.55 13.41 5.54
CA VAL A 215 -10.11 13.31 5.38
C VAL A 215 -9.54 12.33 6.38
N SER A 216 -10.04 12.36 7.63
N SER A 216 -10.02 12.37 7.63
CA SER A 216 -9.54 11.43 8.64
CA SER A 216 -9.54 11.42 8.63
C SER A 216 -9.70 9.98 8.18
C SER A 216 -9.66 9.98 8.13
N GLU A 217 -10.75 9.69 7.41
CA GLU A 217 -10.96 8.32 6.92
C GLU A 217 -9.99 7.92 5.80
N LEU A 218 -9.33 8.87 5.18
CA LEU A 218 -8.35 8.60 4.12
C LEU A 218 -6.94 8.43 4.63
N LEU A 219 -6.70 8.64 5.92
CA LEU A 219 -5.38 8.51 6.48
C LEU A 219 -5.30 7.33 7.45
N GLY B 1 46.84 -20.58 -10.34
CA GLY B 1 45.88 -21.65 -10.05
C GLY B 1 45.29 -21.42 -8.66
N ALA B 2 44.56 -22.40 -8.14
CA ALA B 2 43.84 -22.20 -6.88
C ALA B 2 43.55 -23.52 -6.20
N MET B 3 43.53 -23.49 -4.87
CA MET B 3 43.36 -24.70 -4.09
C MET B 3 41.92 -25.17 -4.24
N GLU B 4 41.71 -26.49 -4.26
CA GLU B 4 40.33 -27.00 -4.19
C GLU B 4 39.79 -26.86 -2.77
N LEU B 5 38.54 -26.39 -2.65
CA LEU B 5 37.96 -26.09 -1.33
C LEU B 5 36.80 -26.98 -0.85
N ASP B 12 27.09 -22.16 -2.01
CA ASP B 12 26.48 -22.42 -3.31
C ASP B 12 25.04 -22.91 -3.20
N SER B 13 24.51 -22.89 -1.97
CA SER B 13 23.13 -23.32 -1.78
C SER B 13 22.13 -22.41 -2.50
N MET B 14 22.50 -21.17 -2.79
CA MET B 14 21.59 -20.26 -3.51
C MET B 14 22.06 -20.00 -4.93
N GLN B 15 22.86 -20.90 -5.50
CA GLN B 15 23.22 -20.79 -6.90
C GLN B 15 22.55 -21.93 -7.64
N GLY B 16 22.28 -21.71 -8.91
CA GLY B 16 21.72 -22.73 -9.76
C GLY B 16 20.25 -22.48 -10.04
N GLN B 17 19.54 -23.55 -10.33
CA GLN B 17 18.20 -23.44 -10.88
C GLN B 17 17.20 -24.05 -9.91
N LEU B 18 16.04 -23.40 -9.75
CA LEU B 18 14.95 -24.01 -9.00
C LEU B 18 13.71 -23.94 -9.86
N LYS B 19 12.93 -25.03 -9.92
CA LYS B 19 11.60 -25.05 -10.52
C LYS B 19 10.58 -24.80 -9.42
N LEU B 20 9.93 -23.63 -9.47
CA LEU B 20 9.03 -23.22 -8.40
C LEU B 20 7.62 -23.11 -8.96
N GLY B 21 6.66 -23.77 -8.29
CA GLY B 21 5.26 -23.65 -8.64
C GLY B 21 4.52 -22.72 -7.70
N CYS B 22 3.48 -22.07 -8.20
CA CYS B 22 2.72 -21.11 -7.40
C CYS B 22 1.29 -21.01 -7.92
N ILE B 23 0.36 -20.80 -7.00
CA ILE B 23 -1.06 -20.75 -7.39
C ILE B 23 -1.46 -19.42 -8.04
N PRO B 24 -2.57 -19.42 -8.82
CA PRO B 24 -2.93 -18.22 -9.59
C PRO B 24 -3.22 -16.98 -8.73
N THR B 25 -3.75 -17.13 -7.51
CA THR B 25 -4.04 -15.94 -6.70
C THR B 25 -2.88 -15.49 -5.85
N ILE B 26 -1.70 -16.06 -6.08
CA ILE B 26 -0.45 -15.56 -5.46
C ILE B 26 0.56 -15.14 -6.52
N ALA B 27 0.71 -15.96 -7.57
CA ALA B 27 1.78 -15.82 -8.56
C ALA B 27 1.91 -14.43 -9.17
N PRO B 28 0.82 -13.79 -9.64
CA PRO B 28 0.98 -12.47 -10.30
C PRO B 28 1.45 -11.39 -9.36
N PHE B 29 1.35 -11.59 -8.06
CA PHE B 29 1.60 -10.53 -7.08
C PHE B 29 2.94 -10.77 -6.39
N LEU B 30 3.01 -11.78 -5.53
CA LEU B 30 4.21 -12.03 -4.73
C LEU B 30 5.45 -12.31 -5.57
N LEU B 31 5.31 -13.06 -6.68
CA LEU B 31 6.53 -13.46 -7.40
C LEU B 31 7.22 -12.28 -8.03
N CYS B 32 6.49 -11.18 -8.31
CA CYS B 32 7.18 -10.01 -8.85
C CYS B 32 8.17 -9.51 -7.83
N ASP B 33 7.72 -9.40 -6.58
CA ASP B 33 8.57 -8.93 -5.49
C ASP B 33 9.71 -9.91 -5.24
N LEU B 34 9.40 -11.21 -5.28
CA LEU B 34 10.44 -12.22 -4.98
C LEU B 34 11.56 -12.15 -6.02
N VAL B 35 11.21 -12.00 -7.31
CA VAL B 35 12.24 -11.94 -8.35
C VAL B 35 13.14 -10.73 -8.14
N GLN B 36 12.56 -9.57 -7.88
CA GLN B 36 13.40 -8.40 -7.68
C GLN B 36 14.35 -8.56 -6.50
N GLU B 37 13.87 -9.21 -5.43
CA GLU B 37 14.73 -9.44 -4.26
C GLU B 37 15.85 -10.42 -4.57
N ILE B 38 15.51 -11.57 -5.19
CA ILE B 38 16.59 -12.55 -5.44
C ILE B 38 17.57 -12.05 -6.50
N ASN B 39 17.13 -11.23 -7.46
CA ASN B 39 18.06 -10.70 -8.44
C ASN B 39 19.22 -9.99 -7.77
N GLN B 40 18.94 -9.30 -6.66
N GLN B 40 18.93 -9.29 -6.66
CA GLN B 40 19.99 -8.62 -5.93
CA GLN B 40 19.99 -8.64 -5.92
C GLN B 40 20.67 -9.54 -4.91
C GLN B 40 20.67 -9.60 -4.96
N ARG B 41 19.87 -10.30 -4.16
CA ARG B 41 20.45 -11.06 -3.03
C ARG B 41 21.12 -12.36 -3.44
N PHE B 42 20.62 -13.03 -4.45
CA PHE B 42 21.12 -14.34 -4.86
C PHE B 42 21.18 -14.28 -6.38
N PRO B 43 22.12 -13.51 -6.91
CA PRO B 43 22.09 -13.23 -8.36
C PRO B 43 22.32 -14.44 -9.24
N GLN B 44 22.84 -15.55 -8.71
CA GLN B 44 23.01 -16.74 -9.54
C GLN B 44 21.88 -17.74 -9.37
N LEU B 45 20.80 -17.34 -8.73
CA LEU B 45 19.65 -18.22 -8.59
C LEU B 45 18.69 -17.96 -9.73
N ASN B 46 18.43 -18.99 -10.53
CA ASN B 46 17.50 -18.88 -11.65
C ASN B 46 16.20 -19.57 -11.26
N LEU B 47 15.08 -18.85 -11.31
CA LEU B 47 13.78 -19.38 -10.95
C LEU B 47 12.97 -19.69 -12.19
N LEU B 48 12.77 -20.99 -12.48
CA LEU B 48 11.84 -21.37 -13.53
C LEU B 48 10.48 -21.50 -12.84
N LEU B 49 9.45 -20.91 -13.42
CA LEU B 49 8.20 -20.76 -12.71
C LEU B 49 7.09 -21.50 -13.43
N ARG B 50 6.20 -22.11 -12.62
CA ARG B 50 5.01 -22.79 -13.10
C ARG B 50 3.81 -22.26 -12.32
N GLU B 51 2.77 -21.79 -13.03
CA GLU B 51 1.53 -21.41 -12.37
C GLU B 51 0.49 -22.48 -12.63
N ASP B 52 -0.14 -22.99 -11.55
CA ASP B 52 -1.22 -23.96 -11.70
C ASP B 52 -2.00 -24.01 -10.40
N THR B 53 -3.12 -24.76 -10.44
CA THR B 53 -3.98 -25.04 -9.27
C THR B 53 -3.21 -25.87 -8.23
N THR B 54 -3.66 -25.79 -6.97
CA THR B 54 -3.00 -26.49 -5.87
C THR B 54 -2.80 -27.99 -6.15
N THR B 55 -3.88 -28.70 -6.51
CA THR B 55 -3.75 -30.14 -6.71
C THR B 55 -2.75 -30.47 -7.82
N ASN B 56 -2.79 -29.73 -8.93
CA ASN B 56 -1.86 -29.99 -10.01
C ASN B 56 -0.42 -29.69 -9.60
N LEU B 57 -0.23 -28.64 -8.82
CA LEU B 57 1.12 -28.32 -8.34
C LEU B 57 1.64 -29.41 -7.41
N LEU B 58 0.81 -29.90 -6.49
CA LEU B 58 1.26 -30.96 -5.58
C LEU B 58 1.63 -32.23 -6.37
N THR B 59 0.84 -32.56 -7.41
CA THR B 59 1.18 -33.69 -8.26
C THR B 59 2.54 -33.51 -8.92
N ALA B 60 2.79 -32.32 -9.48
CA ALA B 60 4.06 -32.07 -10.15
C ALA B 60 5.22 -32.11 -9.16
N LEU B 61 5.03 -31.59 -7.95
CA LEU B 61 6.06 -31.71 -6.90
C LEU B 61 6.34 -33.16 -6.56
N ARG B 62 5.26 -33.92 -6.31
N ARG B 62 5.27 -33.93 -6.29
CA ARG B 62 5.36 -35.31 -5.88
CA ARG B 62 5.42 -35.31 -5.86
C ARG B 62 6.10 -36.15 -6.90
C ARG B 62 6.16 -36.12 -6.90
N HIS B 63 5.98 -35.80 -8.18
CA HIS B 63 6.55 -36.61 -9.25
C HIS B 63 7.78 -35.98 -9.88
N GLY B 64 8.36 -34.98 -9.19
CA GLY B 64 9.70 -34.51 -9.50
C GLY B 64 9.78 -33.44 -10.54
N GLU B 65 8.64 -32.95 -11.00
CA GLU B 65 8.66 -31.96 -12.08
C GLU B 65 8.84 -30.54 -11.56
N LEU B 66 8.62 -30.31 -10.26
CA LEU B 66 8.94 -29.04 -9.64
C LEU B 66 9.72 -29.38 -8.37
N ASP B 67 10.51 -28.41 -7.93
CA ASP B 67 11.29 -28.54 -6.70
C ASP B 67 10.59 -28.02 -5.45
N VAL B 68 9.78 -26.96 -5.56
CA VAL B 68 9.25 -26.26 -4.37
C VAL B 68 8.03 -25.48 -4.84
N LEU B 69 7.07 -25.32 -3.93
CA LEU B 69 5.81 -24.63 -4.22
C LEU B 69 5.62 -23.50 -3.22
N ILE B 70 4.91 -22.47 -3.68
CA ILE B 70 4.35 -21.44 -2.82
C ILE B 70 2.85 -21.60 -2.92
N LEU B 71 2.22 -21.94 -1.79
CA LEU B 71 0.80 -22.27 -1.73
C LEU B 71 0.15 -21.42 -0.65
N ALA B 72 -1.18 -21.29 -0.75
CA ALA B 72 -1.95 -20.85 0.39
C ALA B 72 -2.29 -22.07 1.24
N LEU B 73 -2.13 -21.93 2.56
CA LEU B 73 -2.34 -23.03 3.49
C LEU B 73 -3.45 -22.64 4.45
N PRO B 74 -4.16 -23.62 5.06
CA PRO B 74 -3.90 -25.07 4.89
C PRO B 74 -4.59 -25.67 3.68
N VAL B 75 -3.95 -26.67 3.10
CA VAL B 75 -4.53 -27.55 2.10
C VAL B 75 -3.94 -28.93 2.39
N GLU B 76 -4.54 -29.97 1.84
CA GLU B 76 -4.04 -31.33 2.04
C GLU B 76 -2.75 -31.49 1.27
N ILE B 77 -1.62 -31.75 1.95
CA ILE B 77 -0.35 -31.90 1.26
C ILE B 77 0.26 -33.28 1.41
N ASP B 78 -0.44 -34.22 2.06
N ASP B 78 -0.44 -34.23 2.03
CA ASP B 78 -0.18 -35.68 2.03
CA ASP B 78 -0.16 -35.69 1.93
C ASP B 78 1.30 -36.05 2.07
C ASP B 78 1.33 -36.07 2.06
N GLY B 79 1.95 -35.63 3.14
CA GLY B 79 3.31 -36.07 3.41
C GLY B 79 4.41 -35.12 2.99
N MET B 80 4.08 -34.04 2.26
CA MET B 80 5.12 -33.08 1.92
C MET B 80 5.51 -32.24 3.14
N GLU B 81 6.70 -31.66 3.06
CA GLU B 81 7.16 -30.71 4.08
C GLU B 81 6.60 -29.33 3.76
N SER B 82 6.37 -28.54 4.79
CA SER B 82 5.84 -27.19 4.60
C SER B 82 6.38 -26.25 5.67
N ARG B 83 6.35 -24.95 5.32
CA ARG B 83 6.72 -23.89 6.25
C ARG B 83 5.86 -22.67 5.97
N VAL B 84 5.05 -22.24 6.95
CA VAL B 84 4.26 -21.02 6.81
C VAL B 84 5.21 -19.83 6.91
N VAL B 85 5.08 -18.90 5.96
CA VAL B 85 5.96 -17.73 5.88
C VAL B 85 5.24 -16.39 6.08
N GLY B 86 3.92 -16.37 6.10
CA GLY B 86 3.26 -15.13 6.43
C GLY B 86 1.76 -15.27 6.30
N GLN B 87 1.08 -14.17 6.58
CA GLN B 87 -0.38 -14.12 6.53
C GLN B 87 -0.79 -13.01 5.57
N ASP B 88 -1.72 -13.33 4.69
CA ASP B 88 -2.19 -12.38 3.68
C ASP B 88 -3.65 -12.05 4.02
N PRO B 89 -3.98 -10.83 4.43
CA PRO B 89 -5.37 -10.53 4.85
C PRO B 89 -6.33 -10.58 3.68
N PHE B 90 -7.61 -10.77 4.02
CA PHE B 90 -8.70 -10.70 3.04
C PHE B 90 -9.45 -9.38 3.23
N LYS B 91 -9.88 -8.81 2.11
CA LYS B 91 -10.79 -7.68 2.11
C LYS B 91 -11.98 -8.06 1.22
N MET B 92 -13.06 -7.30 1.35
CA MET B 92 -14.14 -7.38 0.36
C MET B 92 -14.05 -6.17 -0.55
N VAL B 93 -14.59 -6.30 -1.77
CA VAL B 93 -14.63 -5.17 -2.70
C VAL B 93 -16.01 -5.05 -3.30
N ILE B 94 -16.42 -3.80 -3.58
CA ILE B 94 -17.68 -3.49 -4.23
C ILE B 94 -17.40 -2.33 -5.17
N SER B 95 -18.22 -2.20 -6.20
N SER B 95 -18.22 -2.19 -6.19
CA SER B 95 -18.10 -1.02 -7.04
CA SER B 95 -18.06 -1.03 -7.06
C SER B 95 -18.46 0.23 -6.26
C SER B 95 -18.52 0.23 -6.35
N ARG B 96 -17.83 1.34 -6.64
CA ARG B 96 -18.22 2.62 -6.09
C ARG B 96 -19.69 2.89 -6.39
N HIS B 97 -20.18 2.45 -7.57
CA HIS B 97 -21.55 2.71 -7.98
C HIS B 97 -22.58 1.92 -7.18
N GLN B 98 -22.16 0.84 -6.53
CA GLN B 98 -23.02 -0.03 -5.73
C GLN B 98 -22.79 0.19 -4.25
N ALA B 99 -21.85 1.06 -3.89
CA ALA B 99 -21.50 1.26 -2.50
C ALA B 99 -22.64 1.85 -1.67
N GLY B 100 -23.67 2.41 -2.31
CA GLY B 100 -24.89 2.80 -1.62
C GLY B 100 -25.82 1.64 -1.30
N ALA B 101 -26.09 0.79 -2.29
CA ALA B 101 -26.97 -0.38 -2.20
C ALA B 101 -26.39 -1.51 -1.33
N ILE B 102 -25.19 -1.34 -0.78
CA ILE B 102 -24.59 -2.28 0.14
C ILE B 102 -24.14 -1.47 1.34
N LYS B 103 -24.66 -1.79 2.53
CA LYS B 103 -24.33 -1.03 3.73
C LYS B 103 -23.03 -1.53 4.34
N VAL B 104 -22.19 -0.59 4.75
CA VAL B 104 -20.95 -0.88 5.47
C VAL B 104 -21.14 -0.35 6.89
N PRO B 105 -20.71 -1.07 7.94
CA PRO B 105 -20.07 -2.39 7.96
C PRO B 105 -20.98 -3.44 7.38
N ILE B 106 -20.36 -4.37 6.68
CA ILE B 106 -21.08 -5.42 5.98
C ILE B 106 -21.67 -6.41 6.97
N LYS B 107 -22.91 -6.80 6.72
CA LYS B 107 -23.52 -7.93 7.41
C LYS B 107 -24.06 -8.83 6.30
N TYR B 108 -23.58 -10.08 6.24
CA TYR B 108 -23.93 -10.93 5.10
C TYR B 108 -25.43 -11.10 4.95
N ASP B 109 -26.15 -11.20 6.07
CA ASP B 109 -27.60 -11.42 6.01
C ASP B 109 -28.33 -10.29 5.29
N ASP B 110 -27.76 -9.11 5.24
CA ASP B 110 -28.44 -7.99 4.61
C ASP B 110 -28.09 -7.85 3.12
N LEU B 111 -27.10 -8.60 2.63
CA LEU B 111 -26.79 -8.59 1.21
C LEU B 111 -27.91 -9.30 0.45
N PRO B 112 -28.10 -8.98 -0.83
CA PRO B 112 -29.08 -9.73 -1.63
C PRO B 112 -28.65 -11.18 -1.79
N ASP B 113 -29.63 -12.07 -1.97
CA ASP B 113 -29.25 -13.43 -2.35
C ASP B 113 -28.43 -13.40 -3.65
N GLU B 114 -27.44 -14.30 -3.76
CA GLU B 114 -26.64 -14.47 -4.98
C GLU B 114 -25.77 -13.27 -5.31
N SER B 115 -25.44 -12.42 -4.33
CA SER B 115 -24.60 -11.27 -4.61
C SER B 115 -23.12 -11.50 -4.40
N VAL B 116 -22.70 -12.64 -3.85
CA VAL B 116 -21.29 -12.89 -3.58
C VAL B 116 -20.76 -13.82 -4.66
N PHE B 117 -19.82 -13.32 -5.49
CA PHE B 117 -19.21 -14.12 -6.54
C PHE B 117 -17.94 -14.75 -6.00
N LEU B 118 -17.69 -16.03 -6.35
CA LEU B 118 -16.50 -16.75 -5.89
C LEU B 118 -15.90 -17.52 -7.05
N LEU B 119 -14.58 -17.77 -6.97
CA LEU B 119 -13.95 -18.69 -7.94
C LEU B 119 -14.43 -20.14 -7.76
N GLU B 120 -14.34 -20.89 -8.83
CA GLU B 120 -14.62 -22.34 -8.80
C GLU B 120 -13.68 -23.06 -7.81
N LYS B 121 -14.06 -24.29 -7.42
CA LYS B 121 -13.45 -24.92 -6.24
C LYS B 121 -12.01 -25.40 -6.42
N GLU B 122 -11.49 -25.54 -7.64
CA GLU B 122 -10.08 -25.89 -7.71
C GLU B 122 -9.19 -24.77 -7.17
N HIS B 123 -9.75 -23.56 -6.99
CA HIS B 123 -9.08 -22.42 -6.42
C HIS B 123 -9.23 -22.41 -4.91
N SER B 124 -8.09 -22.47 -4.24
CA SER B 124 -8.03 -22.41 -2.80
C SER B 124 -8.57 -21.12 -2.23
N LEU B 125 -8.60 -20.03 -3.01
CA LEU B 125 -9.06 -18.76 -2.46
C LEU B 125 -10.50 -18.89 -1.94
N THR B 126 -11.32 -19.66 -2.64
CA THR B 126 -12.73 -19.79 -2.23
C THR B 126 -12.87 -20.45 -0.87
N GLU B 127 -12.27 -21.63 -0.68
CA GLU B 127 -12.41 -22.27 0.62
C GLU B 127 -11.78 -21.42 1.73
N HIS B 128 -10.63 -20.80 1.44
CA HIS B 128 -9.98 -20.00 2.48
C HIS B 128 -10.78 -18.76 2.82
N ALA B 129 -11.30 -18.06 1.81
CA ALA B 129 -12.02 -16.83 2.14
C ALA B 129 -13.34 -17.11 2.83
N VAL B 130 -14.08 -18.11 2.33
CA VAL B 130 -15.40 -18.37 2.89
C VAL B 130 -15.29 -18.81 4.33
N SER B 131 -14.24 -19.57 4.65
CA SER B 131 -14.05 -19.99 6.02
C SER B 131 -13.48 -18.86 6.90
N ALA B 132 -12.46 -18.14 6.40
CA ALA B 132 -11.81 -17.12 7.21
C ALA B 132 -12.76 -15.97 7.50
N CYS B 133 -13.59 -15.63 6.52
CA CYS B 133 -14.48 -14.49 6.65
C CYS B 133 -15.84 -14.89 7.12
N LYS B 134 -16.04 -16.16 7.46
CA LYS B 134 -17.24 -16.69 8.10
C LYS B 134 -18.51 -16.45 7.27
N LEU B 135 -18.43 -16.68 5.97
CA LEU B 135 -19.62 -16.64 5.12
C LEU B 135 -20.30 -18.00 5.25
N THR B 136 -21.39 -18.06 6.01
CA THR B 136 -22.07 -19.33 6.20
C THR B 136 -23.38 -19.46 5.47
N ASP B 137 -23.95 -18.38 4.94
CA ASP B 137 -25.23 -18.43 4.25
C ASP B 137 -24.99 -18.64 2.75
N LYS B 138 -25.17 -19.88 2.31
CA LYS B 138 -24.89 -20.20 0.92
C LYS B 138 -25.85 -19.52 -0.03
N GLU B 139 -27.02 -19.08 0.46
CA GLU B 139 -27.95 -18.35 -0.40
C GLU B 139 -27.36 -17.05 -0.93
N LYS B 140 -26.31 -16.54 -0.29
CA LYS B 140 -25.71 -15.29 -0.75
C LYS B 140 -24.76 -15.50 -1.91
N ILE B 141 -24.42 -16.75 -2.26
CA ILE B 141 -23.40 -17.01 -3.29
C ILE B 141 -24.06 -17.10 -4.65
N ASN B 142 -23.53 -16.35 -5.61
CA ASN B 142 -24.04 -16.47 -6.97
C ASN B 142 -23.65 -17.83 -7.56
N PRO B 143 -24.58 -18.49 -8.27
CA PRO B 143 -24.27 -19.79 -8.85
C PRO B 143 -23.33 -19.74 -10.05
N PHE B 144 -23.07 -18.56 -10.61
CA PHE B 144 -22.10 -18.45 -11.69
C PHE B 144 -20.69 -18.29 -11.07
N SER B 145 -19.85 -19.31 -11.21
CA SER B 145 -18.52 -19.30 -10.60
C SER B 145 -17.52 -18.62 -11.51
N ALA B 146 -16.64 -17.83 -10.91
CA ALA B 146 -15.60 -17.17 -11.69
C ALA B 146 -14.44 -18.14 -11.92
N THR B 147 -13.64 -17.86 -12.95
CA THR B 147 -12.57 -18.76 -13.28
C THR B 147 -11.21 -18.09 -13.19
N SER B 148 -11.15 -16.79 -12.93
CA SER B 148 -9.87 -16.16 -12.63
C SER B 148 -10.12 -14.99 -11.70
N LEU B 149 -9.08 -14.58 -10.94
CA LEU B 149 -9.27 -13.48 -10.02
C LEU B 149 -9.49 -12.14 -10.78
N HIS B 150 -8.84 -11.96 -11.94
CA HIS B 150 -9.06 -10.72 -12.71
C HIS B 150 -10.49 -10.60 -13.18
N THR B 151 -11.04 -11.72 -13.69
CA THR B 151 -12.42 -11.63 -14.20
C THR B 151 -13.44 -11.56 -13.06
N LEU B 152 -13.14 -12.17 -11.92
CA LEU B 152 -14.00 -12.00 -10.75
C LEU B 152 -14.09 -10.52 -10.37
N VAL B 153 -12.94 -9.85 -10.28
CA VAL B 153 -12.95 -8.43 -9.92
C VAL B 153 -13.65 -7.60 -10.99
N GLN B 154 -13.48 -7.95 -12.28
CA GLN B 154 -14.19 -7.22 -13.33
C GLN B 154 -15.70 -7.32 -13.17
N MET B 155 -16.19 -8.52 -12.79
CA MET B 155 -17.64 -8.65 -12.57
C MET B 155 -18.10 -7.77 -11.42
N VAL B 156 -17.29 -7.71 -10.34
CA VAL B 156 -17.64 -6.78 -9.26
C VAL B 156 -17.60 -5.32 -9.76
N ALA B 157 -16.59 -4.99 -10.58
CA ALA B 157 -16.50 -3.64 -11.13
C ALA B 157 -17.67 -3.30 -12.05
N ASN B 158 -18.28 -4.31 -12.69
CA ASN B 158 -19.50 -4.08 -13.48
C ASN B 158 -20.74 -3.87 -12.62
N GLY B 159 -20.62 -3.99 -11.28
CA GLY B 159 -21.75 -3.76 -10.43
C GLY B 159 -22.51 -4.98 -10.03
N LEU B 160 -21.99 -6.19 -10.29
CA LEU B 160 -22.82 -7.39 -10.15
C LEU B 160 -22.95 -7.87 -8.70
N GLY B 161 -22.04 -7.45 -7.82
CA GLY B 161 -22.09 -7.92 -6.44
C GLY B 161 -20.76 -7.66 -5.76
N THR B 162 -20.34 -8.56 -4.89
CA THR B 162 -19.12 -8.36 -4.13
C THR B 162 -18.33 -9.67 -4.13
N THR B 163 -17.09 -9.58 -3.67
CA THR B 163 -16.26 -10.78 -3.49
C THR B 163 -15.18 -10.50 -2.46
N PHE B 164 -14.42 -11.54 -2.14
CA PHE B 164 -13.27 -11.45 -1.24
C PHE B 164 -11.99 -11.42 -2.09
N ILE B 165 -11.07 -10.53 -1.76
N ILE B 165 -11.05 -10.57 -1.69
CA ILE B 165 -9.80 -10.50 -2.48
CA ILE B 165 -9.80 -10.33 -2.41
C ILE B 165 -8.62 -10.38 -1.52
C ILE B 165 -8.65 -10.46 -1.44
N PRO B 166 -7.52 -11.05 -1.82
CA PRO B 166 -6.35 -11.03 -0.93
C PRO B 166 -5.63 -9.69 -1.00
N GLN B 167 -5.09 -9.31 0.15
CA GLN B 167 -4.40 -8.01 0.25
C GLN B 167 -3.23 -7.88 -0.74
N MET B 168 -2.48 -8.98 -0.99
CA MET B 168 -1.35 -8.84 -1.91
C MET B 168 -1.82 -8.40 -3.31
N ALA B 169 -3.00 -8.81 -3.72
CA ALA B 169 -3.56 -8.35 -5.01
C ALA B 169 -3.83 -6.84 -5.00
N ILE B 170 -4.42 -6.33 -3.91
CA ILE B 170 -4.67 -4.89 -3.80
C ILE B 170 -3.36 -4.15 -3.82
N ASP B 171 -2.35 -4.67 -3.09
CA ASP B 171 -1.06 -3.99 -2.99
C ASP B 171 -0.32 -3.96 -4.31
N HIS B 172 -0.67 -4.83 -5.24
CA HIS B 172 -0.06 -4.89 -6.55
C HIS B 172 -0.95 -4.29 -7.65
N GLY B 173 -1.96 -3.53 -7.27
CA GLY B 173 -2.68 -2.72 -8.22
C GLY B 173 -3.83 -3.37 -8.94
N LEU B 174 -4.30 -4.53 -8.47
CA LEU B 174 -5.36 -5.21 -9.22
C LEU B 174 -6.61 -4.34 -9.36
N LEU B 175 -6.88 -3.46 -8.39
CA LEU B 175 -8.10 -2.69 -8.45
C LEU B 175 -7.93 -1.37 -9.21
N ASP B 176 -6.73 -1.07 -9.73
CA ASP B 176 -6.48 0.26 -10.32
C ASP B 176 -7.44 0.49 -11.49
N ASN B 177 -8.00 1.71 -11.54
CA ASN B 177 -8.84 2.18 -12.63
C ASN B 177 -10.13 1.40 -12.78
N GLN B 178 -10.55 0.66 -11.74
CA GLN B 178 -11.82 -0.06 -11.80
C GLN B 178 -12.90 0.51 -10.92
N ASN B 179 -12.63 1.65 -10.27
N ASN B 179 -12.61 1.60 -10.19
CA ASN B 179 -13.61 2.38 -9.45
CA ASN B 179 -13.60 2.33 -9.42
C ASN B 179 -14.25 1.50 -8.39
C ASN B 179 -14.26 1.45 -8.38
N LEU B 180 -13.40 0.83 -7.58
CA LEU B 180 -13.85 -0.07 -6.54
C LEU B 180 -13.58 0.53 -5.16
N VAL B 181 -14.30 -0.01 -4.18
CA VAL B 181 -14.15 0.36 -2.78
C VAL B 181 -13.74 -0.89 -2.01
N VAL B 182 -12.76 -0.76 -1.12
CA VAL B 182 -12.25 -1.88 -0.29
C VAL B 182 -12.90 -1.77 1.09
N ILE B 183 -13.43 -2.89 1.57
N ILE B 183 -13.47 -2.87 1.57
CA ILE B 183 -14.23 -2.98 2.79
CA ILE B 183 -14.14 -2.87 2.86
C ILE B 183 -13.68 -4.12 3.64
C ILE B 183 -13.70 -4.09 3.66
N GLU B 184 -13.72 -3.95 4.98
CA GLU B 184 -13.34 -5.05 5.86
C GLU B 184 -14.45 -6.09 5.93
N PRO B 185 -14.13 -7.38 5.81
CA PRO B 185 -15.16 -8.40 6.04
C PRO B 185 -15.64 -8.35 7.48
N PRO B 186 -16.89 -8.72 7.73
CA PRO B 186 -17.45 -8.67 9.10
C PRO B 186 -16.68 -9.63 9.98
N GLY B 187 -16.73 -9.35 11.30
CA GLY B 187 -16.15 -10.24 12.29
C GLY B 187 -14.66 -10.03 12.47
N GLN B 188 -14.01 -11.11 12.96
CA GLN B 188 -12.61 -11.05 13.33
C GLN B 188 -11.77 -10.81 12.10
N GLN B 189 -10.50 -10.50 12.32
CA GLN B 189 -9.62 -10.27 11.18
C GLN B 189 -9.32 -11.60 10.50
N ALA B 190 -9.45 -11.58 9.20
CA ALA B 190 -9.52 -12.73 8.32
C ALA B 190 -8.33 -12.68 7.39
N TYR B 191 -7.73 -13.84 7.13
CA TYR B 191 -6.51 -13.85 6.36
C TYR B 191 -6.29 -15.30 5.93
N ARG B 192 -5.34 -15.47 5.00
CA ARG B 192 -4.88 -16.81 4.66
C ARG B 192 -3.40 -16.91 4.99
N ASP B 193 -2.97 -18.10 5.39
CA ASP B 193 -1.53 -18.36 5.52
C ASP B 193 -0.92 -18.60 4.14
N ILE B 194 0.30 -18.12 3.96
CA ILE B 194 1.13 -18.42 2.78
C ILE B 194 2.28 -19.30 3.23
N GLY B 195 2.61 -20.37 2.45
CA GLY B 195 3.66 -21.29 2.86
C GLY B 195 4.45 -21.79 1.67
N LEU B 196 5.62 -22.35 1.97
CA LEU B 196 6.42 -23.07 1.00
C LEU B 196 6.24 -24.56 1.27
N VAL B 197 6.24 -25.34 0.21
CA VAL B 197 6.03 -26.79 0.33
C VAL B 197 7.04 -27.51 -0.55
N TRP B 198 7.64 -28.59 -0.03
CA TRP B 198 8.66 -29.32 -0.80
C TRP B 198 8.68 -30.77 -0.37
N ARG B 199 9.53 -31.58 -1.03
CA ARG B 199 9.49 -33.01 -0.79
C ARG B 199 10.18 -33.36 0.53
N PRO B 200 9.71 -34.40 1.21
CA PRO B 200 10.45 -34.92 2.36
C PRO B 200 11.73 -35.63 1.90
N SER B 201 12.71 -35.67 2.77
CA SER B 201 14.00 -36.25 2.43
C SER B 201 14.72 -35.48 1.31
N SER B 202 14.38 -34.19 1.13
CA SER B 202 15.11 -33.35 0.18
C SER B 202 16.54 -33.13 0.62
N SER B 203 17.44 -33.12 -0.34
CA SER B 203 18.82 -32.74 -0.09
C SER B 203 18.99 -31.23 -0.14
N ARG B 204 17.93 -30.49 -0.49
CA ARG B 204 18.01 -29.06 -0.72
C ARG B 204 17.27 -28.25 0.34
N SER B 205 17.02 -28.85 1.52
CA SER B 205 16.24 -28.15 2.54
C SER B 205 16.89 -26.83 2.98
N LYS B 206 18.22 -26.75 3.02
CA LYS B 206 18.82 -25.46 3.36
C LYS B 206 18.47 -24.38 2.35
N THR B 207 18.49 -24.72 1.06
CA THR B 207 18.07 -23.80 0.02
C THR B 207 16.62 -23.38 0.22
N PHE B 208 15.73 -24.34 0.46
CA PHE B 208 14.32 -24.00 0.55
C PHE B 208 14.02 -23.16 1.78
N ASN B 209 14.76 -23.38 2.86
CA ASN B 209 14.54 -22.55 4.04
C ASN B 209 15.08 -21.14 3.85
N GLN B 210 16.23 -20.99 3.17
CA GLN B 210 16.68 -19.63 2.91
C GLN B 210 15.67 -18.90 2.01
N LEU B 211 15.09 -19.62 1.04
CA LEU B 211 14.08 -19.02 0.19
C LEU B 211 12.85 -18.65 1.01
N ALA B 212 12.45 -19.52 1.94
CA ALA B 212 11.31 -19.20 2.80
C ALA B 212 11.55 -17.94 3.62
N GLU B 213 12.78 -17.75 4.12
CA GLU B 213 13.09 -16.54 4.90
C GLU B 213 12.92 -15.30 4.03
N VAL B 214 13.32 -15.38 2.76
CA VAL B 214 13.16 -14.22 1.87
C VAL B 214 11.68 -13.92 1.62
N VAL B 215 10.91 -14.98 1.33
CA VAL B 215 9.48 -14.79 1.06
C VAL B 215 8.79 -14.22 2.28
N SER B 216 9.21 -14.65 3.48
CA SER B 216 8.61 -14.15 4.71
C SER B 216 8.77 -12.64 4.83
N GLU B 217 9.89 -12.09 4.37
N GLU B 217 9.90 -12.11 4.36
CA GLU B 217 10.06 -10.65 4.48
CA GLU B 217 10.17 -10.68 4.39
C GLU B 217 9.16 -9.88 3.50
C GLU B 217 9.35 -9.88 3.37
N LEU B 218 8.65 -10.54 2.46
CA LEU B 218 7.78 -9.89 1.49
C LEU B 218 6.32 -9.85 1.95
N LEU B 219 5.99 -10.48 3.08
CA LEU B 219 4.62 -10.56 3.58
C LEU B 219 4.45 -9.87 4.95
S SO4 C . 6.05 21.00 1.50
O1 SO4 C . 5.69 22.03 2.56
O2 SO4 C . 7.17 20.20 2.06
O3 SO4 C . 4.85 20.23 1.21
O4 SO4 C . 6.46 21.70 0.30
S SO4 D . -16.52 33.51 5.47
O1 SO4 D . -17.48 32.94 6.41
O2 SO4 D . -15.36 34.06 6.20
O3 SO4 D . -17.18 34.53 4.64
O4 SO4 D . -16.14 32.45 4.55
S SO4 E . -6.14 -20.23 -6.50
O1 SO4 E . -7.27 -19.66 -5.72
O2 SO4 E . -5.90 -21.54 -5.83
O3 SO4 E . -4.95 -19.38 -6.40
O4 SO4 E . -6.55 -20.37 -7.88
#